data_7DS6
#
_entry.id   7DS6
#
_cell.length_a   59.280
_cell.length_b   64.610
_cell.length_c   143.860
_cell.angle_alpha   90.000
_cell.angle_beta   90.000
_cell.angle_gamma   90.000
#
_symmetry.space_group_name_H-M   'P 21 21 21'
#
loop_
_entity.id
_entity.type
_entity.pdbx_description
1 polymer 'F-actin-capping protein subunit alpha-1'
2 polymer 'F-actin-capping protein subunit beta isoforms 1'
3 polymer 'Twinfilin-1,CD2-associated protein'
4 water water
#
loop_
_entity_poly.entity_id
_entity_poly.type
_entity_poly.pdbx_seq_one_letter_code
_entity_poly.pdbx_strand_id
1 'polypeptide(L)'
;MADFEDRVSDEEKVRIAAKFITHAPPGEFNEVFNDVRLLLNNDNLLREGAAHAFAQYNMDQFTPVKIEGYDDQVLITEHG
DLGNGRFLDPRNKISFKFDHLRKEASDPQPEDTESALKQWRDACDSALRAYVKDHYPNGFCTVYGKSIDGQQTIIACIES
HQFQPKNFWNGRWRSEWKFTITPPTAQVAAVLKIQVHYYEDGNVQLVSHKDIQDSVQVSSDVQTAKEFIKIIENAENEYQ
TAISENYQTMSDTTFKALRRQLPVTRTKIDWNKILSYKIGKEMQNA
;
A
2 'polypeptide(L)'
;MSDQQLDCALDLMRRLPPQQIEKNLSDLIDLVPSLCEDLLSSVDQPLKIARDKVVGKDYLLCDYNRDGDSYRSPWSNKYD
PPLEDGAMPSARLRKLEVEANNAFDQYRDLYFEGGVSSVYLWDLDHGFAGVILIKKAGDGSKKIKGCWDSIHVVEVQEKS
SGRTAHYKLTSTVMLWLQTNKTGSGTMNLGGSLTRQMEKDETVSDSSPHIANIGRLVEDMENKIRSTLNEIYFGKTKDIV
NGLR
;
B
3 'polypeptide(L)' KQHAHKQSFAKPKMPGRRLPGRFNG C
#
# COMPACT_ATOMS: atom_id res chain seq x y z
N ASP A 3 24.85 -11.94 15.54
CA ASP A 3 25.49 -13.13 16.07
C ASP A 3 24.56 -14.37 15.96
N PHE A 4 25.18 -15.55 15.90
CA PHE A 4 24.40 -16.78 15.67
C PHE A 4 23.38 -17.02 16.77
N GLU A 5 23.74 -16.71 18.02
CA GLU A 5 22.80 -16.86 19.12
C GLU A 5 21.51 -16.09 18.86
N ASP A 6 21.61 -14.95 18.17
CA ASP A 6 20.48 -14.06 17.95
C ASP A 6 19.90 -14.18 16.54
N ARG A 7 20.21 -15.27 15.85
CA ARG A 7 19.76 -15.48 14.47
C ARG A 7 18.23 -15.56 14.40
N VAL A 8 17.71 -15.26 13.21
CA VAL A 8 16.29 -15.44 12.91
C VAL A 8 16.01 -16.94 12.81
N SER A 9 15.07 -17.42 13.64
CA SER A 9 14.71 -18.83 13.69
C SER A 9 13.75 -19.21 12.56
N ASP A 10 13.65 -20.51 12.28
CA ASP A 10 12.64 -20.98 11.32
C ASP A 10 11.24 -20.67 11.81
N GLU A 11 11.00 -20.71 13.12
CA GLU A 11 9.71 -20.31 13.66
C GLU A 11 9.42 -18.85 13.33
N GLU A 12 10.42 -17.99 13.48
CA GLU A 12 10.23 -16.60 13.14
C GLU A 12 10.02 -16.42 11.63
N LYS A 13 10.73 -17.20 10.82
CA LYS A 13 10.57 -17.07 9.37
C LYS A 13 9.17 -17.48 8.92
N VAL A 14 8.61 -18.54 9.50
CA VAL A 14 7.29 -18.90 9.01
C VAL A 14 6.25 -17.94 9.60
N ARG A 15 6.51 -17.35 10.78
CA ARG A 15 5.65 -16.28 11.28
C ARG A 15 5.61 -15.11 10.30
N ILE A 16 6.77 -14.74 9.76
CA ILE A 16 6.86 -13.66 8.78
C ILE A 16 6.11 -14.04 7.51
N ALA A 17 6.31 -15.28 7.03
CA ALA A 17 5.56 -15.80 5.89
C ALA A 17 4.06 -15.67 6.11
N ALA A 18 3.61 -16.10 7.28
CA ALA A 18 2.19 -16.10 7.57
C ALA A 18 1.63 -14.67 7.65
N LYS A 19 2.39 -13.76 8.27
CA LYS A 19 2.00 -12.36 8.30
C LYS A 19 1.89 -11.79 6.89
N PHE A 20 2.82 -12.16 6.00
CA PHE A 20 2.76 -11.63 4.63
C PHE A 20 1.51 -12.11 3.90
N ILE A 21 1.18 -13.41 4.01
CA ILE A 21 -0.01 -13.94 3.35
C ILE A 21 -1.28 -13.26 3.88
N THR A 22 -1.33 -13.03 5.19
CA THR A 22 -2.53 -12.39 5.72
C THR A 22 -2.69 -10.95 5.23
N HIS A 23 -1.62 -10.34 4.73
CA HIS A 23 -1.64 -8.97 4.22
C HIS A 23 -1.72 -8.90 2.71
N ALA A 24 -2.08 -9.99 2.04
CA ALA A 24 -2.29 -9.95 0.60
C ALA A 24 -3.47 -9.04 0.26
N PRO A 25 -3.36 -8.22 -0.77
CA PRO A 25 -4.51 -7.39 -1.21
C PRO A 25 -5.69 -8.26 -1.61
N PRO A 26 -6.89 -7.71 -1.71
CA PRO A 26 -8.00 -8.49 -2.27
C PRO A 26 -7.70 -8.92 -3.69
N GLY A 27 -8.00 -10.17 -4.00
CA GLY A 27 -7.79 -10.68 -5.34
C GLY A 27 -6.36 -11.04 -5.69
N GLU A 28 -5.43 -10.98 -4.72
CA GLU A 28 -4.02 -11.25 -4.99
C GLU A 28 -3.42 -12.27 -4.05
N PHE A 29 -4.25 -13.10 -3.41
CA PHE A 29 -3.71 -14.14 -2.52
C PHE A 29 -2.75 -15.07 -3.26
N ASN A 30 -3.09 -15.47 -4.48
CA ASN A 30 -2.28 -16.49 -5.14
C ASN A 30 -0.87 -15.97 -5.42
N GLU A 31 -0.74 -14.70 -5.83
CA GLU A 31 0.58 -14.15 -6.16
C GLU A 31 1.42 -13.95 -4.92
N VAL A 32 0.80 -13.48 -3.83
CA VAL A 32 1.51 -13.30 -2.57
C VAL A 32 1.95 -14.65 -2.01
N PHE A 33 1.03 -15.62 -2.00
CA PHE A 33 1.37 -16.97 -1.57
C PHE A 33 2.56 -17.51 -2.35
N ASN A 34 2.50 -17.41 -3.68
CA ASN A 34 3.57 -17.96 -4.50
C ASN A 34 4.91 -17.29 -4.21
N ASP A 35 4.91 -15.97 -3.99
CA ASP A 35 6.14 -15.28 -3.61
C ASP A 35 6.66 -15.80 -2.28
N VAL A 36 5.79 -15.85 -1.27
CA VAL A 36 6.21 -16.25 0.06
C VAL A 36 6.70 -17.70 0.06
N ARG A 37 6.02 -18.55 -0.70
CA ARG A 37 6.44 -19.95 -0.82
CA ARG A 37 6.44 -19.95 -0.82
C ARG A 37 7.86 -20.04 -1.34
N LEU A 38 8.15 -19.37 -2.46
CA LEU A 38 9.49 -19.42 -3.04
CA LEU A 38 9.49 -19.43 -3.03
C LEU A 38 10.51 -18.74 -2.13
N LEU A 39 10.10 -17.72 -1.37
CA LEU A 39 11.06 -17.08 -0.48
C LEU A 39 11.40 -17.99 0.69
N LEU A 40 10.38 -18.62 1.30
CA LEU A 40 10.66 -19.52 2.42
C LEU A 40 11.48 -20.72 1.96
N ASN A 41 11.18 -21.23 0.78
CA ASN A 41 11.86 -22.40 0.22
C ASN A 41 11.82 -23.58 1.19
N ASN A 42 10.65 -23.80 1.79
CA ASN A 42 10.47 -24.92 2.74
C ASN A 42 8.96 -25.19 2.86
N ASP A 43 8.44 -26.02 1.96
CA ASP A 43 7.00 -26.24 1.87
C ASP A 43 6.46 -26.92 3.13
N ASN A 44 7.26 -27.76 3.77
CA ASN A 44 6.80 -28.45 4.96
C ASN A 44 6.68 -27.47 6.13
N LEU A 45 7.68 -26.61 6.30
CA LEU A 45 7.57 -25.54 7.29
C LEU A 45 6.40 -24.60 6.98
N LEU A 46 6.20 -24.30 5.69
CA LEU A 46 5.09 -23.45 5.29
C LEU A 46 3.75 -24.10 5.61
N ARG A 47 3.56 -25.37 5.24
CA ARG A 47 2.26 -25.99 5.42
C ARG A 47 1.87 -26.04 6.90
N GLU A 48 2.81 -26.44 7.76
CA GLU A 48 2.52 -26.55 9.19
CA GLU A 48 2.50 -26.55 9.18
C GLU A 48 2.41 -25.18 9.86
N GLY A 49 3.33 -24.27 9.54
CA GLY A 49 3.39 -23.00 10.22
C GLY A 49 2.55 -21.87 9.67
N ALA A 50 2.03 -21.98 8.45
CA ALA A 50 1.24 -20.91 7.87
C ALA A 50 -0.17 -21.33 7.48
N ALA A 51 -0.59 -22.56 7.82
CA ALA A 51 -1.92 -23.03 7.42
C ALA A 51 -3.01 -22.12 7.97
N HIS A 52 -2.93 -21.79 9.25
CA HIS A 52 -3.91 -20.91 9.88
C HIS A 52 -4.03 -19.58 9.14
N ALA A 53 -2.97 -19.15 8.45
CA ALA A 53 -3.03 -17.86 7.76
C ALA A 53 -3.89 -17.93 6.51
N PHE A 54 -3.89 -19.07 5.82
CA PHE A 54 -4.83 -19.27 4.72
C PHE A 54 -6.26 -19.05 5.19
N ALA A 55 -6.63 -19.71 6.29
CA ALA A 55 -7.98 -19.59 6.84
C ALA A 55 -8.23 -18.19 7.38
N GLN A 56 -7.23 -17.61 8.05
CA GLN A 56 -7.38 -16.25 8.56
CA GLN A 56 -7.38 -16.25 8.56
C GLN A 56 -7.66 -15.26 7.43
N TYR A 57 -6.92 -15.37 6.32
CA TYR A 57 -7.14 -14.45 5.21
C TYR A 57 -8.57 -14.56 4.69
N ASN A 58 -9.04 -15.79 4.48
CA ASN A 58 -10.37 -15.96 3.88
C ASN A 58 -11.47 -15.46 4.79
N MET A 59 -11.38 -15.74 6.10
CA MET A 59 -12.40 -15.28 7.04
C MET A 59 -12.36 -13.76 7.18
N ASP A 60 -11.15 -13.18 7.19
CA ASP A 60 -10.99 -11.74 7.26
CA ASP A 60 -11.00 -11.74 7.27
C ASP A 60 -11.57 -11.05 6.03
N GLN A 61 -11.40 -11.66 4.86
CA GLN A 61 -11.80 -11.06 3.59
C GLN A 61 -13.26 -11.32 3.20
N PHE A 62 -14.02 -12.08 4.00
CA PHE A 62 -15.39 -12.45 3.62
C PHE A 62 -15.44 -13.07 2.23
N THR A 63 -14.48 -13.95 1.95
CA THR A 63 -14.37 -14.59 0.63
C THR A 63 -15.68 -15.27 0.22
N PRO A 64 -16.27 -14.89 -0.91
CA PRO A 64 -17.48 -15.57 -1.39
C PRO A 64 -17.15 -16.89 -2.07
N VAL A 65 -18.00 -17.90 -1.89
CA VAL A 65 -17.74 -19.22 -2.47
C VAL A 65 -19.03 -19.81 -3.01
N LYS A 66 -18.95 -20.39 -4.22
CA LYS A 66 -20.09 -21.08 -4.80
C LYS A 66 -20.15 -22.51 -4.28
N ILE A 67 -21.33 -22.96 -3.87
CA ILE A 67 -21.53 -24.33 -3.44
CA ILE A 67 -21.55 -24.33 -3.42
C ILE A 67 -22.30 -25.06 -4.53
N GLU A 68 -21.74 -26.17 -5.01
CA GLU A 68 -22.39 -26.95 -6.05
C GLU A 68 -23.78 -27.40 -5.61
N GLY A 69 -24.77 -27.14 -6.44
CA GLY A 69 -26.14 -27.47 -6.15
C GLY A 69 -26.97 -26.33 -5.61
N TYR A 70 -26.33 -25.30 -5.07
CA TYR A 70 -27.02 -24.20 -4.40
C TYR A 70 -26.79 -22.91 -5.16
N ASP A 71 -27.84 -22.09 -5.26
CA ASP A 71 -27.81 -20.97 -6.18
C ASP A 71 -26.91 -19.83 -5.67
N ASP A 72 -27.18 -19.31 -4.47
CA ASP A 72 -26.41 -18.18 -3.98
CA ASP A 72 -26.35 -18.18 -4.09
C ASP A 72 -25.07 -18.64 -3.43
N GLN A 73 -24.10 -17.73 -3.42
CA GLN A 73 -22.81 -17.95 -2.79
C GLN A 73 -22.90 -17.64 -1.30
N VAL A 74 -21.96 -18.17 -0.52
CA VAL A 74 -21.91 -17.92 0.92
C VAL A 74 -20.57 -17.27 1.25
N LEU A 75 -20.57 -16.41 2.26
CA LEU A 75 -19.33 -15.82 2.73
C LEU A 75 -18.62 -16.75 3.70
N ILE A 76 -17.30 -16.87 3.53
CA ILE A 76 -16.44 -17.44 4.55
C ILE A 76 -16.19 -16.35 5.60
N THR A 77 -16.73 -16.52 6.81
CA THR A 77 -16.46 -15.58 7.91
C THR A 77 -16.08 -16.36 9.17
N GLU A 78 -15.60 -15.63 10.19
CA GLU A 78 -15.37 -16.28 11.48
C GLU A 78 -16.67 -16.81 12.07
N HIS A 79 -17.80 -16.19 11.72
CA HIS A 79 -19.07 -16.61 12.31
C HIS A 79 -19.56 -17.95 11.78
N GLY A 80 -19.13 -18.36 10.59
CA GLY A 80 -19.51 -19.65 10.05
C GLY A 80 -18.50 -20.76 10.26
N ASP A 81 -17.44 -20.52 11.02
CA ASP A 81 -16.38 -21.51 11.20
C ASP A 81 -16.87 -22.61 12.12
N LEU A 82 -17.18 -23.79 11.55
CA LEU A 82 -17.66 -24.95 12.33
C LEU A 82 -16.52 -25.86 12.79
N GLY A 83 -15.27 -25.50 12.53
CA GLY A 83 -14.16 -26.36 12.86
C GLY A 83 -14.00 -27.49 11.85
N ASN A 84 -12.84 -28.16 11.92
CA ASN A 84 -12.53 -29.28 11.03
C ASN A 84 -12.58 -28.85 9.57
N GLY A 85 -12.14 -27.63 9.29
CA GLY A 85 -12.13 -27.14 7.94
C GLY A 85 -13.48 -27.04 7.26
N ARG A 86 -14.57 -27.04 8.04
CA ARG A 86 -15.92 -26.88 7.51
C ARG A 86 -16.51 -25.54 7.94
N PHE A 87 -17.41 -25.04 7.11
CA PHE A 87 -18.09 -23.78 7.34
C PHE A 87 -19.60 -23.93 7.18
N LEU A 88 -20.31 -22.97 7.77
CA LEU A 88 -21.76 -22.96 7.79
C LEU A 88 -22.31 -22.05 6.69
N ASP A 89 -23.21 -22.59 5.88
CA ASP A 89 -24.06 -21.75 5.04
C ASP A 89 -25.40 -21.65 5.73
N PRO A 90 -25.70 -20.56 6.44
CA PRO A 90 -26.94 -20.52 7.22
C PRO A 90 -28.17 -20.24 6.39
N ARG A 91 -28.00 -19.81 5.13
CA ARG A 91 -29.16 -19.61 4.26
C ARG A 91 -29.70 -20.96 3.79
N ASN A 92 -28.83 -21.87 3.39
CA ASN A 92 -29.26 -23.19 2.96
C ASN A 92 -29.25 -24.21 4.10
N LYS A 93 -28.79 -23.82 5.28
CA LYS A 93 -28.71 -24.71 6.45
C LYS A 93 -27.95 -25.98 6.08
N ILE A 94 -26.71 -25.76 5.63
CA ILE A 94 -25.80 -26.83 5.30
C ILE A 94 -24.43 -26.48 5.86
N SER A 95 -23.60 -27.50 6.04
CA SER A 95 -22.18 -27.36 6.30
C SER A 95 -21.44 -27.84 5.07
N PHE A 96 -20.21 -27.38 4.89
CA PHE A 96 -19.44 -27.78 3.72
C PHE A 96 -17.96 -27.68 4.03
N LYS A 97 -17.19 -28.58 3.44
CA LYS A 97 -15.73 -28.47 3.50
C LYS A 97 -15.28 -27.28 2.67
N PHE A 98 -14.29 -26.54 3.18
CA PHE A 98 -13.68 -25.46 2.42
C PHE A 98 -12.19 -25.66 2.36
N ASP A 99 -11.66 -25.67 1.14
CA ASP A 99 -10.23 -25.69 0.88
C ASP A 99 -9.77 -24.24 0.82
N HIS A 100 -8.99 -23.80 1.81
CA HIS A 100 -8.64 -22.38 1.89
C HIS A 100 -7.62 -21.97 0.85
N LEU A 101 -6.92 -22.94 0.24
CA LEU A 101 -5.94 -22.61 -0.79
C LEU A 101 -6.57 -22.48 -2.18
N ARG A 102 -7.34 -23.50 -2.58
CA ARG A 102 -8.04 -23.46 -3.86
C ARG A 102 -9.35 -22.68 -3.79
N LYS A 103 -9.77 -22.22 -2.62
CA LYS A 103 -11.03 -21.49 -2.45
C LYS A 103 -12.19 -22.28 -3.06
N GLU A 104 -12.28 -23.56 -2.69
CA GLU A 104 -13.27 -24.48 -3.26
CA GLU A 104 -13.29 -24.45 -3.25
C GLU A 104 -14.07 -25.12 -2.13
N ALA A 105 -15.39 -25.12 -2.26
CA ALA A 105 -16.27 -25.80 -1.33
C ALA A 105 -16.54 -27.22 -1.82
N SER A 106 -16.75 -28.14 -0.88
CA SER A 106 -17.13 -29.50 -1.24
C SER A 106 -17.93 -30.12 -0.12
N ASP A 107 -18.46 -31.32 -0.39
CA ASP A 107 -19.10 -32.16 0.61
C ASP A 107 -20.20 -31.45 1.41
N PRO A 108 -21.21 -30.90 0.76
CA PRO A 108 -22.31 -30.27 1.52
C PRO A 108 -23.10 -31.33 2.28
N GLN A 109 -23.39 -31.06 3.55
CA GLN A 109 -24.25 -31.89 4.37
C GLN A 109 -25.24 -31.02 5.11
N PRO A 110 -26.47 -31.51 5.31
CA PRO A 110 -27.43 -30.77 6.17
C PRO A 110 -26.80 -30.44 7.51
N GLU A 111 -27.12 -29.26 8.04
CA GLU A 111 -26.62 -28.88 9.34
C GLU A 111 -27.80 -28.49 10.23
N ASP A 112 -27.77 -28.96 11.48
CA ASP A 112 -28.85 -28.68 12.41
C ASP A 112 -28.88 -27.20 12.76
N THR A 113 -30.09 -26.67 12.89
CA THR A 113 -30.33 -25.23 13.02
C THR A 113 -31.16 -25.00 14.28
N GLU A 114 -30.63 -24.20 15.22
CA GLU A 114 -31.41 -23.91 16.41
C GLU A 114 -32.62 -23.10 15.99
N SER A 115 -33.81 -23.68 16.16
CA SER A 115 -35.02 -23.10 15.57
C SER A 115 -35.55 -21.89 16.34
N ALA A 116 -34.86 -21.47 17.40
CA ALA A 116 -35.26 -20.26 18.14
C ALA A 116 -34.98 -18.99 17.36
N LEU A 117 -34.01 -19.01 16.44
CA LEU A 117 -33.67 -17.84 15.64
C LEU A 117 -34.02 -18.00 14.17
N LYS A 118 -34.68 -19.11 13.81
CA LYS A 118 -34.91 -19.44 12.41
C LYS A 118 -35.70 -18.33 11.70
N GLN A 119 -36.81 -17.91 12.30
CA GLN A 119 -37.68 -16.95 11.60
C GLN A 119 -37.01 -15.58 11.51
N TRP A 120 -36.29 -15.19 12.56
CA TRP A 120 -35.66 -13.87 12.59
C TRP A 120 -34.46 -13.81 11.65
N ARG A 121 -33.64 -14.86 11.65
CA ARG A 121 -32.53 -14.92 10.71
C ARG A 121 -33.03 -14.94 9.28
N ASP A 122 -34.11 -15.69 9.02
CA ASP A 122 -34.66 -15.74 7.67
C ASP A 122 -35.23 -14.40 7.25
N ALA A 123 -35.88 -13.68 8.17
CA ALA A 123 -36.47 -12.38 7.83
C ALA A 123 -35.39 -11.35 7.55
N CYS A 124 -34.38 -11.28 8.41
CA CYS A 124 -33.25 -10.38 8.15
C CYS A 124 -32.51 -10.78 6.87
N ASP A 125 -32.34 -12.08 6.63
CA ASP A 125 -31.62 -12.52 5.43
C ASP A 125 -32.33 -12.07 4.17
N SER A 126 -33.65 -12.26 4.10
CA SER A 126 -34.40 -11.92 2.89
CA SER A 126 -34.38 -11.92 2.88
C SER A 126 -34.40 -10.42 2.64
N ALA A 127 -34.57 -9.62 3.70
CA ALA A 127 -34.51 -8.17 3.55
C ALA A 127 -33.11 -7.75 3.12
N LEU A 128 -32.09 -8.38 3.69
CA LEU A 128 -30.72 -7.97 3.37
C LEU A 128 -30.32 -8.36 1.96
N ARG A 129 -30.79 -9.53 1.48
CA ARG A 129 -30.45 -9.97 0.14
CA ARG A 129 -30.43 -9.96 0.15
C ARG A 129 -30.98 -8.99 -0.90
N ALA A 130 -32.23 -8.56 -0.73
CA ALA A 130 -32.81 -7.56 -1.61
C ALA A 130 -32.03 -6.24 -1.54
N TYR A 131 -31.62 -5.86 -0.33
CA TYR A 131 -30.85 -4.64 -0.17
C TYR A 131 -29.53 -4.74 -0.93
N VAL A 132 -28.85 -5.88 -0.83
CA VAL A 132 -27.52 -6.02 -1.42
C VAL A 132 -27.59 -6.05 -2.93
N LYS A 133 -28.54 -6.82 -3.50
CA LYS A 133 -28.67 -6.82 -4.95
C LYS A 133 -29.03 -5.43 -5.49
N ASP A 134 -29.82 -4.66 -4.73
CA ASP A 134 -30.19 -3.32 -5.19
C ASP A 134 -29.00 -2.37 -5.18
N HIS A 135 -28.15 -2.46 -4.15
CA HIS A 135 -27.13 -1.44 -3.92
C HIS A 135 -25.73 -1.82 -4.37
N TYR A 136 -25.47 -3.08 -4.68
CA TYR A 136 -24.13 -3.47 -5.07
C TYR A 136 -24.13 -4.07 -6.47
N PRO A 137 -23.04 -3.94 -7.23
CA PRO A 137 -23.03 -4.51 -8.58
C PRO A 137 -23.05 -6.04 -8.56
N ASN A 138 -22.22 -6.65 -7.73
CA ASN A 138 -22.19 -8.11 -7.59
C ASN A 138 -21.88 -8.41 -6.12
N GLY A 139 -22.75 -7.94 -5.24
CA GLY A 139 -22.55 -8.16 -3.83
C GLY A 139 -23.13 -9.48 -3.34
N PHE A 140 -22.61 -9.94 -2.21
CA PHE A 140 -23.07 -11.15 -1.56
C PHE A 140 -23.22 -10.89 -0.07
N CYS A 141 -24.10 -11.64 0.58
CA CYS A 141 -24.29 -11.44 2.01
C CYS A 141 -24.67 -12.75 2.69
N THR A 142 -24.31 -12.82 3.96
CA THR A 142 -24.58 -13.98 4.80
C THR A 142 -25.06 -13.47 6.15
N VAL A 143 -26.15 -14.03 6.66
CA VAL A 143 -26.73 -13.61 7.92
C VAL A 143 -26.75 -14.80 8.87
N TYR A 144 -26.17 -14.62 10.06
CA TYR A 144 -26.12 -15.65 11.09
C TYR A 144 -27.08 -15.32 12.21
N GLY A 145 -27.53 -16.36 12.91
CA GLY A 145 -28.30 -16.23 14.12
C GLY A 145 -27.73 -17.09 15.23
N LYS A 146 -27.24 -16.48 16.31
CA LYS A 146 -26.63 -17.22 17.40
C LYS A 146 -27.09 -16.66 18.75
N SER A 147 -26.99 -17.50 19.77
CA SER A 147 -27.12 -17.07 21.17
C SER A 147 -25.73 -16.80 21.71
N ILE A 148 -25.43 -15.52 21.95
CA ILE A 148 -24.11 -15.08 22.40
C ILE A 148 -24.26 -14.51 23.81
N ASP A 149 -23.61 -15.16 24.78
CA ASP A 149 -23.76 -14.82 26.20
C ASP A 149 -25.23 -14.86 26.61
N GLY A 150 -25.90 -15.93 26.19
CA GLY A 150 -27.32 -16.10 26.46
C GLY A 150 -28.25 -15.14 25.77
N GLN A 151 -27.76 -14.41 24.77
CA GLN A 151 -28.52 -13.37 24.09
C GLN A 151 -28.66 -13.68 22.61
N GLN A 152 -29.91 -13.68 22.12
CA GLN A 152 -30.18 -13.95 20.71
C GLN A 152 -29.65 -12.81 19.84
N THR A 153 -28.67 -13.12 18.97
CA THR A 153 -27.99 -12.11 18.17
C THR A 153 -28.10 -12.41 16.68
N ILE A 154 -28.18 -11.34 15.90
CA ILE A 154 -28.20 -11.40 14.44
C ILE A 154 -26.90 -10.77 13.95
N ILE A 155 -26.16 -11.48 13.10
CA ILE A 155 -24.90 -11.00 12.53
C ILE A 155 -25.02 -11.01 11.01
N ALA A 156 -24.93 -9.84 10.40
CA ALA A 156 -25.07 -9.67 8.95
C ALA A 156 -23.74 -9.22 8.36
N CYS A 157 -23.30 -9.93 7.33
CA CYS A 157 -22.01 -9.68 6.69
C CYS A 157 -22.25 -9.45 5.20
N ILE A 158 -21.62 -8.39 4.66
CA ILE A 158 -21.77 -8.01 3.25
C ILE A 158 -20.40 -7.96 2.60
N GLU A 159 -20.32 -8.45 1.37
CA GLU A 159 -19.08 -8.40 0.61
C GLU A 159 -19.38 -7.96 -0.80
N SER A 160 -18.43 -7.22 -1.38
CA SER A 160 -18.52 -6.78 -2.77
C SER A 160 -17.11 -6.47 -3.25
N HIS A 161 -16.65 -7.16 -4.28
CA HIS A 161 -15.32 -6.92 -4.80
C HIS A 161 -15.37 -6.73 -6.32
N GLN A 162 -14.32 -6.09 -6.83
CA GLN A 162 -14.10 -5.99 -8.27
C GLN A 162 -12.62 -6.27 -8.49
N PHE A 163 -12.31 -7.37 -9.19
CA PHE A 163 -10.93 -7.77 -9.47
C PHE A 163 -10.64 -7.56 -10.96
N GLN A 164 -9.59 -6.78 -11.26
CA GLN A 164 -9.19 -6.53 -12.65
C GLN A 164 -7.66 -6.62 -12.76
N PRO A 165 -7.09 -7.79 -12.51
CA PRO A 165 -5.62 -7.92 -12.49
C PRO A 165 -4.98 -7.55 -13.82
N LYS A 166 -5.69 -7.73 -14.93
CA LYS A 166 -5.14 -7.34 -16.22
C LYS A 166 -5.00 -5.83 -16.35
N ASN A 167 -5.77 -5.06 -15.57
CA ASN A 167 -5.59 -3.62 -15.47
C ASN A 167 -4.83 -3.23 -14.21
N PHE A 168 -4.30 -4.21 -13.49
CA PHE A 168 -3.46 -4.00 -12.31
C PHE A 168 -4.20 -3.27 -11.20
N TRP A 169 -5.46 -3.66 -10.96
CA TRP A 169 -6.09 -3.14 -9.76
C TRP A 169 -7.14 -4.11 -9.26
N ASN A 170 -7.43 -4.00 -7.96
CA ASN A 170 -8.42 -4.82 -7.28
C ASN A 170 -9.01 -4.03 -6.12
N GLY A 171 -10.30 -4.22 -5.86
CA GLY A 171 -10.95 -3.58 -4.73
C GLY A 171 -11.97 -4.47 -4.05
N ARG A 172 -12.18 -4.21 -2.76
CA ARG A 172 -13.18 -4.97 -2.00
C ARG A 172 -13.82 -4.10 -0.92
N TRP A 173 -15.13 -4.24 -0.78
CA TRP A 173 -15.92 -3.64 0.29
C TRP A 173 -16.39 -4.76 1.22
N ARG A 174 -16.25 -4.56 2.53
CA ARG A 174 -16.79 -5.50 3.54
C ARG A 174 -17.56 -4.71 4.60
N SER A 175 -18.74 -5.18 4.97
CA SER A 175 -19.39 -4.58 6.12
C SER A 175 -19.97 -5.68 7.00
N GLU A 176 -20.09 -5.38 8.28
CA GLU A 176 -20.52 -6.34 9.29
C GLU A 176 -21.40 -5.65 10.31
N TRP A 177 -22.59 -6.19 10.54
CA TRP A 177 -23.63 -5.54 11.33
C TRP A 177 -24.18 -6.53 12.35
N LYS A 178 -24.39 -6.06 13.58
CA LYS A 178 -24.82 -6.92 14.68
C LYS A 178 -25.90 -6.24 15.53
N PHE A 179 -26.87 -7.01 15.98
CA PHE A 179 -27.74 -6.52 17.05
C PHE A 179 -28.34 -7.71 17.77
N THR A 180 -28.74 -7.50 19.03
CA THR A 180 -29.40 -8.52 19.82
C THR A 180 -30.90 -8.34 19.76
N ILE A 181 -31.63 -9.45 19.79
CA ILE A 181 -33.09 -9.41 19.69
C ILE A 181 -33.69 -9.09 21.06
N THR A 182 -33.63 -7.82 21.46
CA THR A 182 -33.99 -7.37 22.80
C THR A 182 -34.98 -6.22 22.73
N PRO A 183 -36.29 -6.52 22.71
CA PRO A 183 -37.29 -5.45 22.66
C PRO A 183 -37.27 -4.60 23.92
N PRO A 184 -37.58 -3.31 23.81
CA PRO A 184 -38.02 -2.61 22.60
C PRO A 184 -36.91 -2.00 21.76
N THR A 185 -35.68 -1.97 22.26
CA THR A 185 -34.60 -1.26 21.60
C THR A 185 -33.31 -2.06 21.68
N ALA A 186 -32.65 -2.22 20.54
CA ALA A 186 -31.41 -2.98 20.47
C ALA A 186 -30.27 -2.08 19.98
N GLN A 187 -29.11 -2.23 20.61
CA GLN A 187 -27.91 -1.57 20.12
C GLN A 187 -27.44 -2.25 18.84
N VAL A 188 -27.10 -1.45 17.84
CA VAL A 188 -26.52 -1.93 16.59
C VAL A 188 -25.04 -1.56 16.60
N ALA A 189 -24.19 -2.54 16.30
CA ALA A 189 -22.76 -2.33 16.17
C ALA A 189 -22.33 -2.73 14.76
N ALA A 190 -21.49 -1.91 14.12
CA ALA A 190 -21.11 -2.20 12.75
C ALA A 190 -19.70 -1.74 12.47
N VAL A 191 -19.06 -2.41 11.51
CA VAL A 191 -17.77 -1.99 11.01
C VAL A 191 -17.80 -2.05 9.48
N LEU A 192 -17.30 -1.00 8.84
CA LEU A 192 -17.27 -0.91 7.39
C LEU A 192 -15.82 -0.81 6.96
N LYS A 193 -15.47 -1.51 5.89
CA LYS A 193 -14.07 -1.56 5.47
C LYS A 193 -13.98 -1.50 3.96
N ILE A 194 -13.00 -0.74 3.46
CA ILE A 194 -12.74 -0.66 2.05
C ILE A 194 -11.25 -0.88 1.85
N GLN A 195 -10.90 -1.61 0.80
CA GLN A 195 -9.51 -1.76 0.39
C GLN A 195 -9.43 -1.69 -1.12
N VAL A 196 -8.50 -0.88 -1.64
CA VAL A 196 -8.24 -0.80 -3.08
C VAL A 196 -6.74 -0.86 -3.31
N HIS A 197 -6.31 -1.65 -4.28
CA HIS A 197 -4.91 -1.79 -4.65
C HIS A 197 -4.72 -1.48 -6.13
N TYR A 198 -3.80 -0.57 -6.44
CA TYR A 198 -3.47 -0.25 -7.82
C TYR A 198 -1.97 -0.44 -8.00
N TYR A 199 -1.57 -1.14 -9.07
CA TYR A 199 -0.18 -1.51 -9.13
C TYR A 199 0.37 -1.54 -10.55
N GLU A 200 -0.16 -0.70 -11.43
CA GLU A 200 0.48 -0.47 -12.72
C GLU A 200 1.62 0.51 -12.49
N ASP A 201 2.86 0.01 -12.58
CA ASP A 201 4.05 0.83 -12.45
C ASP A 201 4.03 1.62 -11.14
N GLY A 202 3.80 0.89 -10.06
CA GLY A 202 3.63 1.51 -8.75
C GLY A 202 2.91 0.56 -7.81
N ASN A 203 2.59 1.09 -6.62
CA ASN A 203 1.85 0.31 -5.59
C ASN A 203 1.14 1.33 -4.71
N VAL A 204 -0.14 1.56 -4.99
CA VAL A 204 -0.97 2.53 -4.27
C VAL A 204 -2.10 1.76 -3.63
N GLN A 205 -2.36 2.05 -2.34
CA GLN A 205 -3.43 1.33 -1.66
C GLN A 205 -4.27 2.27 -0.79
N LEU A 206 -5.58 2.12 -0.91
CA LEU A 206 -6.49 2.76 0.01
C LEU A 206 -6.92 1.74 1.05
N VAL A 207 -6.88 2.11 2.33
CA VAL A 207 -7.46 1.27 3.36
C VAL A 207 -8.27 2.16 4.27
N SER A 208 -9.52 1.79 4.50
CA SER A 208 -10.42 2.60 5.30
C SER A 208 -11.24 1.68 6.19
N HIS A 209 -11.65 2.22 7.35
CA HIS A 209 -12.28 1.42 8.39
C HIS A 209 -13.13 2.36 9.22
N LYS A 210 -14.43 2.09 9.32
CA LYS A 210 -15.29 2.91 10.16
C LYS A 210 -16.13 2.06 11.10
N ASP A 211 -16.14 2.42 12.38
CA ASP A 211 -17.00 1.80 13.36
C ASP A 211 -18.31 2.59 13.47
N ILE A 212 -19.40 1.87 13.67
CA ILE A 212 -20.74 2.44 13.68
CA ILE A 212 -20.73 2.45 13.69
C ILE A 212 -21.46 1.95 14.94
N GLN A 213 -22.18 2.86 15.61
CA GLN A 213 -23.07 2.50 16.69
C GLN A 213 -24.41 3.14 16.41
N ASP A 214 -25.48 2.36 16.48
CA ASP A 214 -26.81 2.90 16.22
C ASP A 214 -27.79 2.17 17.12
N SER A 215 -29.07 2.40 16.90
CA SER A 215 -30.11 1.76 17.70
C SER A 215 -31.24 1.37 16.77
N VAL A 216 -31.85 0.21 17.02
CA VAL A 216 -32.91 -0.31 16.18
C VAL A 216 -34.09 -0.68 17.08
N GLN A 217 -35.29 -0.39 16.61
CA GLN A 217 -36.50 -0.70 17.36
C GLN A 217 -36.90 -2.14 17.04
N VAL A 218 -37.04 -2.96 18.07
CA VAL A 218 -37.28 -4.39 17.89
C VAL A 218 -38.76 -4.68 18.16
N SER A 219 -39.46 -5.18 17.15
CA SER A 219 -40.85 -5.62 17.30
C SER A 219 -41.03 -7.00 16.68
N SER A 220 -41.67 -7.07 15.52
CA SER A 220 -41.82 -8.35 14.85
C SER A 220 -40.58 -8.63 14.00
N ASP A 221 -40.42 -9.90 13.62
CA ASP A 221 -39.24 -10.25 12.83
C ASP A 221 -39.22 -9.50 11.51
N VAL A 222 -40.35 -9.43 10.82
CA VAL A 222 -40.37 -8.77 9.52
C VAL A 222 -40.20 -7.26 9.67
N GLN A 223 -40.82 -6.66 10.69
CA GLN A 223 -40.68 -5.21 10.84
C GLN A 223 -39.27 -4.84 11.26
N THR A 224 -38.69 -5.57 12.23
CA THR A 224 -37.33 -5.26 12.67
C THR A 224 -36.35 -5.37 11.52
N ALA A 225 -36.45 -6.46 10.76
CA ALA A 225 -35.67 -6.63 9.53
C ALA A 225 -35.75 -5.38 8.66
N LYS A 226 -36.97 -4.84 8.49
CA LYS A 226 -37.12 -3.62 7.69
C LYS A 226 -36.35 -2.45 8.30
N GLU A 227 -36.47 -2.28 9.62
CA GLU A 227 -35.76 -1.21 10.32
C GLU A 227 -34.26 -1.41 10.27
N PHE A 228 -33.82 -2.66 10.42
CA PHE A 228 -32.40 -2.98 10.40
C PHE A 228 -31.80 -2.62 9.05
N ILE A 229 -32.51 -2.95 7.96
CA ILE A 229 -32.01 -2.66 6.63
C ILE A 229 -32.00 -1.16 6.38
N LYS A 230 -33.00 -0.44 6.90
CA LYS A 230 -33.00 1.02 6.77
C LYS A 230 -31.75 1.62 7.39
N ILE A 231 -31.36 1.12 8.56
CA ILE A 231 -30.17 1.61 9.25
C ILE A 231 -28.91 1.31 8.42
N ILE A 232 -28.84 0.10 7.85
CA ILE A 232 -27.69 -0.27 7.01
C ILE A 232 -27.60 0.66 5.80
N GLU A 233 -28.72 0.84 5.10
CA GLU A 233 -28.72 1.67 3.90
C GLU A 233 -28.26 3.09 4.20
N ASN A 234 -28.82 3.69 5.24
CA ASN A 234 -28.44 5.06 5.59
C ASN A 234 -26.97 5.15 5.96
N ALA A 235 -26.46 4.21 6.73
CA ALA A 235 -25.09 4.33 7.20
C ALA A 235 -24.10 4.03 6.07
N GLU A 236 -24.43 3.07 5.19
CA GLU A 236 -23.51 2.74 4.10
C GLU A 236 -23.53 3.80 3.00
N ASN A 237 -24.70 4.39 2.74
CA ASN A 237 -24.78 5.55 1.85
C ASN A 237 -23.96 6.72 2.40
N GLU A 238 -24.12 7.02 3.70
CA GLU A 238 -23.39 8.13 4.30
CA GLU A 238 -23.39 8.14 4.29
C GLU A 238 -21.89 7.91 4.27
N TYR A 239 -21.45 6.65 4.47
CA TYR A 239 -20.02 6.35 4.49
C TYR A 239 -19.41 6.56 3.11
N GLN A 240 -20.07 6.05 2.06
CA GLN A 240 -19.62 6.23 0.70
C GLN A 240 -19.52 7.72 0.35
N THR A 241 -20.54 8.48 0.73
CA THR A 241 -20.48 9.94 0.58
C THR A 241 -19.25 10.53 1.28
N ALA A 242 -19.05 10.17 2.55
CA ALA A 242 -17.97 10.77 3.32
C ALA A 242 -16.60 10.42 2.75
N ILE A 243 -16.45 9.23 2.16
CA ILE A 243 -15.19 8.86 1.54
CA ILE A 243 -15.19 8.86 1.54
C ILE A 243 -14.91 9.76 0.34
N SER A 244 -15.90 9.95 -0.52
CA SER A 244 -15.69 10.81 -1.69
C SER A 244 -15.49 12.27 -1.27
N GLU A 245 -16.03 12.68 -0.12
CA GLU A 245 -15.75 14.02 0.37
CA GLU A 245 -15.76 14.02 0.40
C GLU A 245 -14.32 14.12 0.90
N ASN A 246 -13.84 13.07 1.59
CA ASN A 246 -12.43 13.05 1.98
C ASN A 246 -11.53 13.08 0.76
N TYR A 247 -11.91 12.34 -0.31
CA TYR A 247 -11.12 12.39 -1.55
C TYR A 247 -11.02 13.82 -2.07
N GLN A 248 -12.14 14.53 -2.09
CA GLN A 248 -12.14 15.90 -2.61
C GLN A 248 -11.23 16.80 -1.80
N THR A 249 -11.28 16.70 -0.48
CA THR A 249 -10.42 17.55 0.35
C THR A 249 -8.95 17.20 0.17
N MET A 250 -8.62 15.91 0.12
CA MET A 250 -7.24 15.51 -0.13
C MET A 250 -6.73 16.12 -1.43
N SER A 251 -7.59 16.14 -2.45
CA SER A 251 -7.14 16.54 -3.78
CA SER A 251 -7.15 16.54 -3.78
C SER A 251 -7.00 18.06 -3.90
N ASP A 252 -7.98 18.82 -3.45
CA ASP A 252 -7.90 20.27 -3.66
C ASP A 252 -7.35 21.04 -2.46
N THR A 253 -7.04 20.37 -1.36
CA THR A 253 -6.38 21.03 -0.24
C THR A 253 -5.01 20.43 0.02
N THR A 254 -4.92 19.16 0.42
CA THR A 254 -3.64 18.61 0.87
C THR A 254 -2.68 18.40 -0.29
N PHE A 255 -3.14 17.76 -1.37
CA PHE A 255 -2.24 17.49 -2.50
C PHE A 255 -1.74 18.79 -3.13
N LYS A 256 -2.62 19.78 -3.28
CA LYS A 256 -2.22 21.03 -3.91
C LYS A 256 -1.20 21.77 -3.07
N ALA A 257 -1.30 21.68 -1.75
CA ALA A 257 -0.34 22.32 -0.86
C ALA A 257 1.02 21.64 -0.87
N LEU A 258 1.08 20.36 -1.26
CA LEU A 258 2.36 19.66 -1.18
C LEU A 258 3.36 20.18 -2.22
N ARG A 259 2.91 20.42 -3.45
CA ARG A 259 3.80 20.82 -4.53
C ARG A 259 3.03 21.67 -5.54
N ARG A 260 3.63 22.78 -5.97
CA ARG A 260 2.99 23.58 -7.00
C ARG A 260 2.95 22.82 -8.32
N GLN A 261 2.07 23.27 -9.21
CA GLN A 261 2.12 22.77 -10.58
C GLN A 261 3.29 23.41 -11.34
N LEU A 262 3.48 24.72 -11.17
CA LEU A 262 4.56 25.47 -11.78
C LEU A 262 5.00 26.54 -10.80
N PRO A 263 6.21 27.06 -10.95
CA PRO A 263 6.61 28.25 -10.21
C PRO A 263 5.68 29.40 -10.54
N VAL A 264 5.73 30.44 -9.70
CA VAL A 264 4.89 31.63 -9.88
C VAL A 264 5.12 32.32 -11.23
N THR A 265 6.26 32.08 -11.88
CA THR A 265 6.47 32.60 -13.23
C THR A 265 5.52 32.01 -14.25
N ARG A 266 4.78 30.95 -13.90
CA ARG A 266 3.88 30.27 -14.84
C ARG A 266 4.63 29.75 -16.06
N THR A 267 5.90 29.40 -15.87
CA THR A 267 6.64 28.64 -16.87
C THR A 267 7.67 27.79 -16.15
N LYS A 268 8.21 26.81 -16.88
CA LYS A 268 9.18 25.93 -16.24
C LYS A 268 10.48 26.68 -15.99
N ILE A 269 11.37 26.03 -15.23
CA ILE A 269 12.55 26.69 -14.68
C ILE A 269 13.56 26.98 -15.80
N ASP A 270 14.20 28.14 -15.69
CA ASP A 270 15.35 28.52 -16.53
C ASP A 270 16.60 28.00 -15.82
N TRP A 271 17.13 26.87 -16.29
CA TRP A 271 18.17 26.19 -15.52
C TRP A 271 19.52 26.89 -15.59
N ASN A 272 19.72 27.83 -16.52
CA ASN A 272 20.96 28.60 -16.47
C ASN A 272 20.86 29.76 -15.48
N LYS A 273 19.65 30.27 -15.22
CA LYS A 273 19.48 31.22 -14.12
C LYS A 273 19.63 30.55 -12.76
N ILE A 274 19.38 29.24 -12.69
CA ILE A 274 19.54 28.52 -11.43
C ILE A 274 21.02 28.43 -11.06
N LEU A 275 21.86 28.16 -12.05
CA LEU A 275 23.29 27.97 -11.81
C LEU A 275 24.05 29.28 -11.73
N SER A 276 23.40 30.41 -11.97
CA SER A 276 24.09 31.69 -11.99
C SER A 276 24.42 32.15 -10.58
N TYR A 277 25.47 32.96 -10.47
CA TYR A 277 25.94 33.49 -9.19
C TYR A 277 24.95 34.50 -8.62
N ASP B 3 17.64 -17.69 -7.02
CA ASP B 3 17.14 -18.00 -8.36
C ASP B 3 16.03 -17.00 -8.73
N GLN B 4 14.78 -17.37 -8.45
CA GLN B 4 13.66 -16.45 -8.60
CA GLN B 4 13.65 -16.46 -8.60
C GLN B 4 13.34 -15.71 -7.31
N GLN B 5 14.21 -15.78 -6.31
CA GLN B 5 13.88 -15.22 -5.01
C GLN B 5 13.82 -13.69 -5.07
N LEU B 6 14.85 -13.06 -5.66
CA LEU B 6 14.83 -11.60 -5.75
C LEU B 6 13.61 -11.12 -6.52
N ASP B 7 13.28 -11.78 -7.64
CA ASP B 7 12.07 -11.48 -8.37
C ASP B 7 10.84 -11.55 -7.47
N CYS B 8 10.72 -12.64 -6.70
CA CYS B 8 9.53 -12.79 -5.87
C CYS B 8 9.47 -11.72 -4.79
N ALA B 9 10.63 -11.32 -4.27
CA ALA B 9 10.65 -10.31 -3.21
C ALA B 9 10.20 -8.95 -3.72
N LEU B 10 10.68 -8.55 -4.90
CA LEU B 10 10.25 -7.29 -5.49
C LEU B 10 8.77 -7.33 -5.81
N ASP B 11 8.31 -8.43 -6.44
CA ASP B 11 6.88 -8.56 -6.68
C ASP B 11 6.10 -8.46 -5.38
N LEU B 12 6.62 -9.07 -4.32
CA LEU B 12 5.90 -9.07 -3.07
C LEU B 12 5.79 -7.66 -2.50
N MET B 13 6.84 -6.84 -2.68
CA MET B 13 6.75 -5.47 -2.19
C MET B 13 5.85 -4.60 -3.04
N ARG B 14 5.51 -5.01 -4.25
CA ARG B 14 4.52 -4.28 -5.04
CA ARG B 14 4.52 -4.26 -5.03
C ARG B 14 3.11 -4.55 -4.58
N ARG B 15 2.92 -5.52 -3.67
CA ARG B 15 1.61 -5.92 -3.20
C ARG B 15 1.37 -5.67 -1.72
N LEU B 16 2.38 -5.78 -0.87
CA LEU B 16 2.13 -5.55 0.55
C LEU B 16 1.78 -4.07 0.78
N PRO B 17 0.95 -3.77 1.78
CA PRO B 17 0.52 -2.38 2.00
C PRO B 17 1.70 -1.42 2.08
N PRO B 18 1.70 -0.37 1.27
CA PRO B 18 2.84 0.58 1.33
C PRO B 18 2.92 1.28 2.65
N GLN B 19 1.83 1.33 3.40
CA GLN B 19 1.85 1.97 4.70
C GLN B 19 2.88 1.36 5.66
N GLN B 20 3.27 0.09 5.46
CA GLN B 20 4.24 -0.57 6.32
CA GLN B 20 4.25 -0.56 6.33
C GLN B 20 5.49 -1.00 5.55
N ILE B 21 5.95 -0.16 4.61
CA ILE B 21 7.10 -0.50 3.78
C ILE B 21 8.32 -0.83 4.63
N GLU B 22 8.65 0.03 5.61
CA GLU B 22 9.90 -0.16 6.35
CA GLU B 22 9.89 -0.15 6.37
C GLU B 22 9.90 -1.48 7.10
N LYS B 23 8.80 -1.77 7.80
CA LYS B 23 8.72 -3.01 8.59
C LYS B 23 8.70 -4.23 7.67
N ASN B 24 7.94 -4.16 6.58
CA ASN B 24 7.87 -5.31 5.69
C ASN B 24 9.20 -5.57 4.99
N LEU B 25 9.97 -4.54 4.67
CA LEU B 25 11.27 -4.78 4.03
C LEU B 25 12.25 -5.43 4.99
N SER B 26 12.25 -4.99 6.26
CA SER B 26 13.17 -5.57 7.22
C SER B 26 12.81 -7.03 7.50
N ASP B 27 11.52 -7.31 7.66
CA ASP B 27 11.07 -8.70 7.80
C ASP B 27 11.36 -9.52 6.56
N LEU B 28 11.22 -8.93 5.36
CA LEU B 28 11.56 -9.64 4.14
C LEU B 28 13.04 -10.00 4.11
N ILE B 29 13.91 -9.08 4.52
CA ILE B 29 15.34 -9.38 4.48
C ILE B 29 15.70 -10.45 5.51
N ASP B 30 15.08 -10.40 6.69
CA ASP B 30 15.24 -11.49 7.65
C ASP B 30 14.81 -12.82 7.04
N LEU B 31 13.73 -12.81 6.25
CA LEU B 31 13.27 -14.04 5.64
C LEU B 31 14.31 -14.60 4.67
N VAL B 32 14.92 -13.72 3.86
CA VAL B 32 15.96 -14.12 2.91
CA VAL B 32 15.96 -14.12 2.91
C VAL B 32 17.15 -13.18 3.05
N PRO B 33 18.06 -13.42 4.00
CA PRO B 33 19.18 -12.48 4.20
C PRO B 33 20.10 -12.31 3.01
N SER B 34 20.26 -13.33 2.18
CA SER B 34 21.17 -13.19 1.04
C SER B 34 20.75 -12.08 0.08
N LEU B 35 19.52 -11.58 0.18
CA LEU B 35 19.02 -10.56 -0.73
C LEU B 35 19.14 -9.16 -0.16
N CYS B 36 19.78 -9.02 1.00
CA CYS B 36 19.80 -7.72 1.70
C CYS B 36 20.32 -6.59 0.81
N GLU B 37 21.50 -6.77 0.20
CA GLU B 37 22.09 -5.66 -0.55
C GLU B 37 21.22 -5.26 -1.74
N ASP B 38 20.74 -6.25 -2.51
CA ASP B 38 19.90 -5.96 -3.66
C ASP B 38 18.55 -5.37 -3.23
N LEU B 39 18.01 -5.80 -2.10
CA LEU B 39 16.72 -5.26 -1.65
C LEU B 39 16.86 -3.83 -1.15
N LEU B 40 17.94 -3.54 -0.42
CA LEU B 40 18.12 -2.20 0.09
C LEU B 40 18.36 -1.20 -1.03
N SER B 41 18.93 -1.64 -2.15
CA SER B 41 19.21 -0.75 -3.26
C SER B 41 18.10 -0.73 -4.30
N SER B 42 17.08 -1.60 -4.16
CA SER B 42 16.00 -1.69 -5.14
C SER B 42 14.62 -1.33 -4.60
N VAL B 43 14.41 -1.41 -3.30
CA VAL B 43 13.10 -1.15 -2.73
C VAL B 43 13.11 0.26 -2.18
N ASP B 44 12.32 1.13 -2.79
CA ASP B 44 12.18 2.49 -2.29
C ASP B 44 11.51 2.50 -0.92
N GLN B 45 12.06 3.33 -0.03
CA GLN B 45 11.58 3.50 1.32
C GLN B 45 11.28 4.98 1.59
N PRO B 46 10.28 5.27 2.42
CA PRO B 46 10.04 6.67 2.82
C PRO B 46 11.32 7.33 3.30
N LEU B 47 11.49 8.61 2.95
CA LEU B 47 12.72 9.31 3.25
C LEU B 47 12.73 9.76 4.70
N LYS B 48 13.91 9.73 5.30
CA LYS B 48 14.08 10.17 6.67
C LYS B 48 14.97 11.41 6.71
N ILE B 49 14.71 12.27 7.69
CA ILE B 49 15.43 13.53 7.87
C ILE B 49 16.47 13.36 8.97
N ALA B 50 17.68 13.85 8.73
CA ALA B 50 18.72 13.90 9.74
C ALA B 50 19.30 15.31 9.79
N ARG B 51 19.88 15.64 10.94
CA ARG B 51 20.48 16.94 11.15
C ARG B 51 21.99 16.85 11.01
N ASP B 52 22.54 17.69 10.14
CA ASP B 52 23.99 17.89 10.03
C ASP B 52 24.34 18.98 11.05
N LYS B 53 24.91 18.58 12.20
CA LYS B 53 25.15 19.52 13.29
C LYS B 53 26.26 20.51 12.97
N VAL B 54 27.17 20.16 12.06
CA VAL B 54 28.26 21.06 11.72
C VAL B 54 27.75 22.30 10.99
N VAL B 55 26.96 22.10 9.93
CA VAL B 55 26.47 23.25 9.17
C VAL B 55 25.11 23.73 9.66
N GLY B 56 24.43 22.96 10.51
CA GLY B 56 23.10 23.29 10.99
C GLY B 56 22.10 23.24 9.86
N LYS B 57 22.09 22.13 9.12
CA LYS B 57 21.13 21.95 8.04
C LYS B 57 20.62 20.52 8.07
N ASP B 58 19.34 20.36 7.68
CA ASP B 58 18.74 19.04 7.55
C ASP B 58 19.18 18.40 6.24
N TYR B 59 19.26 17.08 6.24
CA TYR B 59 19.53 16.35 5.01
C TYR B 59 18.76 15.03 5.05
N LEU B 60 18.66 14.37 3.90
CA LEU B 60 17.77 13.23 3.75
C LEU B 60 18.56 11.94 3.64
N LEU B 61 18.02 10.90 4.28
CA LEU B 61 18.67 9.60 4.36
C LEU B 61 18.00 8.61 3.42
N CYS B 62 18.82 7.80 2.77
CA CYS B 62 18.35 6.70 1.93
C CYS B 62 19.54 5.79 1.71
N ASP B 63 19.31 4.65 1.05
CA ASP B 63 20.39 3.69 0.88
C ASP B 63 21.59 4.30 0.15
N TYR B 64 21.35 5.30 -0.70
CA TYR B 64 22.42 5.78 -1.58
C TYR B 64 23.48 6.60 -0.85
N ASN B 65 23.16 7.17 0.32
CA ASN B 65 24.15 7.89 1.13
C ASN B 65 24.50 7.14 2.41
N ARG B 66 24.23 5.84 2.45
CA ARG B 66 24.52 4.99 3.61
C ARG B 66 25.79 4.18 3.36
N ASP B 67 26.62 4.06 4.40
CA ASP B 67 27.72 3.12 4.42
C ASP B 67 27.71 2.48 5.80
N GLY B 68 27.48 1.17 5.86
CA GLY B 68 27.27 0.54 7.16
C GLY B 68 26.01 1.10 7.82
N ASP B 69 26.14 1.59 9.05
CA ASP B 69 25.05 2.25 9.73
C ASP B 69 25.20 3.77 9.76
N SER B 70 26.11 4.32 8.95
CA SER B 70 26.37 5.75 8.87
C SER B 70 25.80 6.31 7.58
N TYR B 71 25.42 7.60 7.61
CA TYR B 71 24.96 8.30 6.41
C TYR B 71 25.77 9.56 6.19
N ARG B 72 25.93 9.93 4.92
CA ARG B 72 26.80 11.04 4.50
C ARG B 72 25.98 12.30 4.25
N SER B 73 26.45 13.43 4.81
CA SER B 73 25.78 14.71 4.60
C SER B 73 26.25 15.34 3.29
N PRO B 74 25.33 15.78 2.42
CA PRO B 74 25.75 16.49 1.21
C PRO B 74 26.34 17.85 1.50
N TRP B 75 26.11 18.41 2.68
CA TRP B 75 26.61 19.76 2.99
C TRP B 75 28.06 19.70 3.46
N SER B 76 28.35 18.85 4.44
CA SER B 76 29.71 18.75 5.00
C SER B 76 30.53 17.63 4.40
N ASN B 77 29.91 16.68 3.69
CA ASN B 77 30.60 15.54 3.11
C ASN B 77 31.24 14.66 4.17
N LYS B 78 30.61 14.59 5.34
CA LYS B 78 31.05 13.72 6.42
C LYS B 78 29.95 12.73 6.75
N TYR B 79 30.34 11.59 7.32
CA TYR B 79 29.40 10.57 7.78
C TYR B 79 29.05 10.78 9.25
N ASP B 80 27.81 10.39 9.59
CA ASP B 80 27.31 10.42 10.95
C ASP B 80 26.54 9.12 11.18
N PRO B 81 26.95 8.28 12.15
CA PRO B 81 28.13 8.41 13.02
C PRO B 81 29.43 8.45 12.22
N PRO B 82 30.48 9.02 12.80
CA PRO B 82 31.75 9.13 12.07
C PRO B 82 32.23 7.79 11.54
N LEU B 83 32.88 7.86 10.38
CA LEU B 83 33.40 6.72 9.65
C LEU B 83 34.76 7.11 9.10
N GLU B 84 35.74 6.25 9.27
CA GLU B 84 37.04 6.47 8.65
C GLU B 84 37.13 5.88 7.25
N ASP B 85 36.33 4.86 6.94
CA ASP B 85 36.46 4.19 5.66
C ASP B 85 35.14 4.26 4.90
N GLY B 86 34.67 5.48 4.62
CA GLY B 86 33.37 5.68 4.03
C GLY B 86 33.43 5.96 2.55
N ALA B 87 32.41 5.50 1.84
CA ALA B 87 32.33 5.71 0.39
C ALA B 87 32.23 7.20 0.08
N MET B 88 33.06 7.67 -0.85
CA MET B 88 33.13 9.09 -1.16
C MET B 88 33.10 9.32 -2.67
N PRO B 89 32.53 10.44 -3.11
CA PRO B 89 32.69 10.83 -4.52
C PRO B 89 34.11 11.29 -4.77
N SER B 90 34.55 11.15 -6.02
CA SER B 90 35.87 11.66 -6.37
C SER B 90 35.89 13.17 -6.20
N ALA B 91 37.10 13.73 -6.08
CA ALA B 91 37.22 15.17 -5.85
C ALA B 91 36.43 15.97 -6.88
N ARG B 92 36.56 15.61 -8.16
CA ARG B 92 35.87 16.35 -9.21
C ARG B 92 34.37 16.16 -9.13
N LEU B 93 33.90 14.94 -8.84
CA LEU B 93 32.47 14.71 -8.76
C LEU B 93 31.86 15.42 -7.57
N ARG B 94 32.57 15.45 -6.45
CA ARG B 94 32.08 16.19 -5.29
C ARG B 94 31.85 17.67 -5.61
N LYS B 95 32.74 18.29 -6.40
CA LYS B 95 32.47 19.68 -6.79
C LYS B 95 31.14 19.77 -7.54
N LEU B 96 30.88 18.82 -8.43
CA LEU B 96 29.61 18.79 -9.14
C LEU B 96 28.44 18.50 -8.20
N GLU B 97 28.68 17.68 -7.17
CA GLU B 97 27.64 17.37 -6.19
C GLU B 97 27.25 18.60 -5.39
N VAL B 98 28.23 19.42 -5.01
CA VAL B 98 27.95 20.66 -4.30
C VAL B 98 27.09 21.58 -5.16
N GLU B 99 27.46 21.74 -6.43
CA GLU B 99 26.66 22.55 -7.33
CA GLU B 99 26.67 22.54 -7.35
C GLU B 99 25.25 21.99 -7.48
N ALA B 100 25.12 20.66 -7.59
CA ALA B 100 23.81 20.03 -7.76
C ALA B 100 22.92 20.27 -6.56
N ASN B 101 23.50 20.19 -5.36
CA ASN B 101 22.70 20.43 -4.16
C ASN B 101 22.17 21.85 -4.12
N ASN B 102 22.98 22.82 -4.54
CA ASN B 102 22.55 24.21 -4.53
CA ASN B 102 22.57 24.21 -4.55
C ASN B 102 21.49 24.46 -5.59
N ALA B 103 21.60 23.81 -6.75
CA ALA B 103 20.60 23.98 -7.81
C ALA B 103 19.26 23.38 -7.38
N PHE B 104 19.30 22.16 -6.87
CA PHE B 104 18.06 21.53 -6.48
C PHE B 104 17.49 22.07 -5.17
N ASP B 105 18.30 22.73 -4.34
CA ASP B 105 17.69 23.47 -3.24
C ASP B 105 16.84 24.62 -3.76
N GLN B 106 17.30 25.29 -4.83
CA GLN B 106 16.49 26.34 -5.44
C GLN B 106 15.26 25.75 -6.12
N TYR B 107 15.46 24.65 -6.86
CA TYR B 107 14.35 23.90 -7.45
C TYR B 107 13.30 23.58 -6.39
N ARG B 108 13.74 23.00 -5.27
CA ARG B 108 12.84 22.68 -4.17
C ARG B 108 12.05 23.88 -3.71
N ASP B 109 12.73 25.01 -3.51
CA ASP B 109 12.03 26.20 -3.04
C ASP B 109 11.01 26.68 -4.07
N LEU B 110 11.34 26.58 -5.35
CA LEU B 110 10.46 27.08 -6.39
C LEU B 110 9.19 26.24 -6.51
N TYR B 111 9.30 24.93 -6.38
CA TYR B 111 8.13 24.05 -6.56
C TYR B 111 7.46 23.64 -5.27
N PHE B 112 8.22 23.48 -4.19
CA PHE B 112 7.63 22.98 -2.96
C PHE B 112 7.48 24.04 -1.88
N GLU B 113 8.17 25.19 -2.02
CA GLU B 113 8.04 26.32 -1.10
C GLU B 113 8.26 25.89 0.35
N GLY B 114 9.20 24.97 0.53
CA GLY B 114 9.51 24.40 1.83
C GLY B 114 10.04 22.99 1.63
N GLY B 115 10.00 22.21 2.70
CA GLY B 115 10.55 20.87 2.59
C GLY B 115 12.08 20.89 2.61
N VAL B 116 12.65 19.73 2.28
CA VAL B 116 14.09 19.46 2.37
C VAL B 116 14.53 18.77 1.10
N SER B 117 15.74 19.06 0.64
CA SER B 117 16.28 18.34 -0.50
C SER B 117 17.71 17.89 -0.23
N SER B 118 18.14 16.85 -0.97
CA SER B 118 19.53 16.39 -0.92
C SER B 118 19.87 15.71 -2.23
N VAL B 119 21.11 15.86 -2.67
CA VAL B 119 21.61 15.24 -3.89
C VAL B 119 22.90 14.50 -3.56
N TYR B 120 22.98 13.24 -3.95
CA TYR B 120 24.20 12.45 -3.78
C TYR B 120 24.64 11.88 -5.11
N LEU B 121 25.89 12.08 -5.47
CA LEU B 121 26.45 11.57 -6.73
C LEU B 121 27.47 10.47 -6.43
N TRP B 122 27.67 9.58 -7.40
CA TRP B 122 28.76 8.62 -7.29
C TRP B 122 29.37 8.37 -8.67
N ASP B 123 30.66 7.99 -8.65
CA ASP B 123 31.39 7.73 -9.88
C ASP B 123 30.99 6.41 -10.50
N LEU B 124 31.04 6.38 -11.83
CA LEU B 124 30.89 5.18 -12.62
C LEU B 124 32.06 5.12 -13.60
N ASP B 125 32.23 3.98 -14.26
CA ASP B 125 33.41 3.79 -15.09
C ASP B 125 33.44 4.75 -16.27
N HIS B 126 32.29 5.01 -16.88
CA HIS B 126 32.26 5.88 -18.06
C HIS B 126 31.20 6.96 -17.89
N GLY B 127 31.08 7.46 -16.67
CA GLY B 127 30.14 8.51 -16.36
C GLY B 127 29.93 8.59 -14.86
N PHE B 128 28.72 8.99 -14.48
CA PHE B 128 28.41 9.08 -13.06
C PHE B 128 26.91 8.88 -12.87
N ALA B 129 26.53 8.77 -11.62
CA ALA B 129 25.13 8.60 -11.27
C ALA B 129 24.81 9.51 -10.09
N GLY B 130 23.52 9.69 -9.85
CA GLY B 130 23.09 10.57 -8.77
C GLY B 130 21.69 10.23 -8.34
N VAL B 131 21.37 10.63 -7.11
CA VAL B 131 20.02 10.57 -6.61
C VAL B 131 19.64 11.97 -6.15
N ILE B 132 18.45 12.40 -6.54
CA ILE B 132 17.90 13.69 -6.14
C ILE B 132 16.70 13.38 -5.25
N LEU B 133 16.74 13.86 -3.99
CA LEU B 133 15.72 13.55 -2.98
C LEU B 133 15.02 14.82 -2.53
N ILE B 134 13.69 14.77 -2.45
CA ILE B 134 12.90 15.87 -1.92
C ILE B 134 11.85 15.30 -0.98
N LYS B 135 11.73 15.90 0.20
CA LYS B 135 10.69 15.50 1.15
C LYS B 135 9.95 16.76 1.60
N LYS B 136 8.62 16.70 1.55
CA LYS B 136 7.80 17.83 1.97
C LYS B 136 6.59 17.30 2.72
N ALA B 137 6.44 17.66 4.00
CA ALA B 137 5.30 17.23 4.77
C ALA B 137 4.16 18.23 4.64
N GLY B 138 2.94 17.72 4.63
CA GLY B 138 1.78 18.57 4.67
C GLY B 138 1.66 19.24 6.03
N ASP B 139 0.98 20.38 6.05
CA ASP B 139 0.87 21.13 7.29
C ASP B 139 -0.23 20.61 8.21
N GLY B 140 -0.92 19.53 7.83
CA GLY B 140 -1.96 18.96 8.66
C GLY B 140 -3.29 19.66 8.61
N SER B 141 -3.50 20.59 7.68
CA SER B 141 -4.74 21.34 7.65
CA SER B 141 -4.74 21.34 7.65
C SER B 141 -5.91 20.44 7.29
N LYS B 142 -7.11 20.84 7.74
CA LYS B 142 -8.36 20.14 7.45
C LYS B 142 -8.34 18.69 7.94
N LYS B 143 -7.58 18.42 9.01
CA LYS B 143 -7.53 17.11 9.65
C LYS B 143 -7.02 16.03 8.71
N ILE B 144 -6.09 16.39 7.84
CA ILE B 144 -5.48 15.45 6.89
C ILE B 144 -3.96 15.57 6.96
N LYS B 145 -3.30 14.44 7.17
CA LYS B 145 -1.84 14.37 7.23
C LYS B 145 -1.32 13.88 5.88
N GLY B 146 -0.31 14.57 5.37
CA GLY B 146 0.20 14.28 4.05
C GLY B 146 1.72 14.28 4.07
N CYS B 147 2.29 13.63 3.07
CA CYS B 147 3.72 13.76 2.84
C CYS B 147 4.02 13.40 1.39
N TRP B 148 5.05 14.05 0.86
CA TRP B 148 5.53 13.83 -0.50
C TRP B 148 7.01 13.50 -0.41
N ASP B 149 7.40 12.36 -0.98
CA ASP B 149 8.79 11.94 -1.11
C ASP B 149 9.15 11.76 -2.58
N SER B 150 10.12 12.52 -3.07
CA SER B 150 10.67 12.32 -4.41
C SER B 150 11.99 11.58 -4.33
N ILE B 151 12.17 10.55 -5.17
CA ILE B 151 13.45 9.85 -5.32
C ILE B 151 13.73 9.77 -6.82
N HIS B 152 14.65 10.60 -7.31
CA HIS B 152 15.03 10.55 -8.71
C HIS B 152 16.43 9.97 -8.81
N VAL B 153 16.59 8.87 -9.52
CA VAL B 153 17.88 8.24 -9.73
C VAL B 153 18.25 8.41 -11.19
N VAL B 154 19.36 9.09 -11.45
CA VAL B 154 19.79 9.35 -12.80
C VAL B 154 21.14 8.69 -13.04
N GLU B 155 21.32 8.15 -14.24
CA GLU B 155 22.61 7.64 -14.69
C GLU B 155 23.05 8.44 -15.90
N VAL B 156 24.32 8.84 -15.93
CA VAL B 156 24.90 9.62 -17.02
C VAL B 156 26.00 8.78 -17.66
N GLN B 157 25.82 8.44 -18.93
CA GLN B 157 26.79 7.69 -19.72
C GLN B 157 27.47 8.69 -20.67
N GLU B 158 28.72 9.03 -20.37
CA GLU B 158 29.42 10.04 -21.16
C GLU B 158 29.99 9.42 -22.44
N LYS B 159 30.13 10.25 -23.48
CA LYS B 159 30.55 9.80 -24.80
C LYS B 159 31.89 10.42 -25.18
N SER B 160 32.45 9.89 -26.27
CA SER B 160 33.79 10.29 -26.71
C SER B 160 33.86 11.77 -27.06
N SER B 161 32.83 12.28 -27.72
CA SER B 161 32.82 13.69 -28.13
C SER B 161 32.77 14.66 -26.95
N GLY B 162 32.22 14.24 -25.81
CA GLY B 162 32.05 15.18 -24.71
C GLY B 162 30.98 16.21 -25.01
N ARG B 163 30.40 16.11 -26.21
CA ARG B 163 29.38 17.02 -26.68
C ARG B 163 27.99 16.40 -26.62
N THR B 164 27.90 15.17 -26.12
CA THR B 164 26.64 14.45 -26.00
C THR B 164 26.79 13.39 -24.93
N ALA B 165 25.74 13.19 -24.13
CA ALA B 165 25.74 12.12 -23.14
C ALA B 165 24.35 11.48 -23.14
N HIS B 166 24.29 10.24 -22.65
CA HIS B 166 23.02 9.51 -22.57
C HIS B 166 22.54 9.49 -21.12
N TYR B 167 21.34 10.01 -20.88
CA TYR B 167 20.77 10.11 -19.53
C TYR B 167 19.67 9.09 -19.36
N LYS B 168 19.70 8.37 -18.22
CA LYS B 168 18.69 7.37 -17.88
C LYS B 168 18.12 7.74 -16.52
N LEU B 169 16.81 7.94 -16.47
CA LEU B 169 16.16 8.46 -15.27
C LEU B 169 15.14 7.48 -14.75
N THR B 170 15.26 7.08 -13.48
CA THR B 170 14.23 6.29 -12.79
C THR B 170 13.69 7.13 -11.64
N SER B 171 12.41 7.49 -11.71
CA SER B 171 11.84 8.43 -10.76
C SER B 171 10.67 7.81 -10.01
N THR B 172 10.65 7.99 -8.71
CA THR B 172 9.55 7.53 -7.86
C THR B 172 9.07 8.68 -7.00
N VAL B 173 7.76 8.89 -6.93
CA VAL B 173 7.20 9.78 -5.94
C VAL B 173 6.36 8.93 -5.01
N MET B 174 6.59 9.07 -3.71
CA MET B 174 5.77 8.42 -2.70
C MET B 174 4.85 9.48 -2.13
N LEU B 175 3.56 9.20 -2.15
CA LEU B 175 2.55 10.17 -1.75
C LEU B 175 1.70 9.54 -0.66
N TRP B 176 1.63 10.19 0.49
CA TRP B 176 1.02 9.60 1.69
C TRP B 176 -0.05 10.52 2.21
N LEU B 177 -1.28 10.02 2.33
CA LEU B 177 -2.39 10.84 2.80
C LEU B 177 -3.21 10.04 3.80
N GLN B 178 -3.60 10.68 4.90
CA GLN B 178 -4.51 9.97 5.80
C GLN B 178 -5.33 10.98 6.59
N THR B 179 -6.55 10.58 6.91
CA THR B 179 -7.39 11.37 7.79
C THR B 179 -6.78 11.36 9.19
N SER B 184 -15.83 9.24 7.18
CA SER B 184 -15.28 9.39 8.53
C SER B 184 -14.60 8.08 8.98
N GLY B 185 -14.08 8.06 10.21
CA GLY B 185 -13.38 6.89 10.74
C GLY B 185 -11.87 7.00 10.56
N THR B 186 -11.26 6.00 9.92
CA THR B 186 -9.88 6.09 9.45
C THR B 186 -9.86 5.88 7.94
N MET B 187 -8.98 6.60 7.26
CA MET B 187 -8.85 6.51 5.81
C MET B 187 -7.41 6.83 5.46
N ASN B 188 -6.74 5.89 4.80
CA ASN B 188 -5.32 6.01 4.52
C ASN B 188 -5.10 5.68 3.05
N LEU B 189 -4.62 6.66 2.31
CA LEU B 189 -4.40 6.53 0.88
C LEU B 189 -2.94 6.88 0.62
N GLY B 190 -2.14 5.85 0.31
CA GLY B 190 -0.71 6.03 0.23
C GLY B 190 -0.05 5.00 -0.67
N GLY B 191 1.22 5.23 -0.95
CA GLY B 191 1.95 4.39 -1.88
C GLY B 191 2.84 5.20 -2.79
N SER B 192 3.09 4.70 -4.00
CA SER B 192 4.04 5.39 -4.88
C SER B 192 3.83 4.98 -6.32
N LEU B 193 4.37 5.81 -7.22
CA LEU B 193 4.41 5.56 -8.65
C LEU B 193 5.84 5.73 -9.15
N THR B 194 6.23 4.87 -10.08
CA THR B 194 7.58 4.88 -10.64
C THR B 194 7.48 5.00 -12.14
N ARG B 195 8.29 5.90 -12.71
CA ARG B 195 8.37 6.05 -14.15
C ARG B 195 9.84 6.11 -14.57
N GLN B 196 10.11 5.67 -15.80
CA GLN B 196 11.45 5.73 -16.38
C GLN B 196 11.42 6.46 -17.70
N MET B 197 12.58 7.01 -18.07
CA MET B 197 12.80 7.57 -19.39
C MET B 197 14.31 7.66 -19.61
N GLU B 198 14.72 7.62 -20.86
CA GLU B 198 16.12 7.81 -21.19
C GLU B 198 16.22 8.64 -22.45
N LYS B 199 17.26 9.46 -22.54
CA LYS B 199 17.37 10.39 -23.64
C LYS B 199 18.84 10.77 -23.85
N ASP B 200 19.20 11.06 -25.10
CA ASP B 200 20.44 11.76 -25.39
C ASP B 200 20.21 13.26 -25.24
N GLU B 201 21.20 13.96 -24.71
CA GLU B 201 21.17 15.41 -24.65
C GLU B 201 22.53 15.97 -25.03
N THR B 202 22.51 17.19 -25.54
CA THR B 202 23.76 17.89 -25.79
C THR B 202 24.37 18.34 -24.47
N VAL B 203 25.67 18.09 -24.33
CA VAL B 203 26.48 18.61 -23.23
C VAL B 203 27.31 19.75 -23.77
N SER B 204 27.07 20.95 -23.29
CA SER B 204 27.78 22.11 -23.81
C SER B 204 28.10 23.05 -22.65
N ASP B 205 28.91 24.07 -22.97
CA ASP B 205 29.17 25.12 -21.99
C ASP B 205 27.88 25.80 -21.58
N SER B 206 26.91 25.88 -22.49
CA SER B 206 25.61 26.50 -22.21
C SER B 206 24.56 25.49 -21.75
N SER B 207 24.83 24.20 -21.87
CA SER B 207 23.91 23.15 -21.41
C SER B 207 24.73 22.09 -20.69
N PRO B 208 25.15 22.37 -19.45
CA PRO B 208 25.99 21.42 -18.70
C PRO B 208 25.16 20.28 -18.14
N HIS B 209 25.87 19.30 -17.56
CA HIS B 209 25.20 18.14 -16.99
C HIS B 209 24.06 18.54 -16.04
N ILE B 210 24.30 19.49 -15.13
CA ILE B 210 23.29 19.77 -14.12
C ILE B 210 22.04 20.38 -14.74
N ALA B 211 22.19 21.19 -15.80
CA ALA B 211 21.01 21.71 -16.46
C ALA B 211 20.26 20.61 -17.20
N ASN B 212 20.99 19.67 -17.80
CA ASN B 212 20.35 18.56 -18.48
C ASN B 212 19.58 17.70 -17.49
N ILE B 213 20.23 17.35 -16.39
CA ILE B 213 19.58 16.57 -15.33
C ILE B 213 18.39 17.34 -14.75
N GLY B 214 18.59 18.63 -14.46
CA GLY B 214 17.51 19.42 -13.90
C GLY B 214 16.27 19.40 -14.77
N ARG B 215 16.45 19.58 -16.08
CA ARG B 215 15.32 19.60 -16.99
C ARG B 215 14.64 18.24 -17.04
N LEU B 216 15.42 17.16 -17.00
CA LEU B 216 14.81 15.83 -17.05
C LEU B 216 14.01 15.55 -15.78
N VAL B 217 14.54 15.97 -14.63
CA VAL B 217 13.86 15.75 -13.35
C VAL B 217 12.57 16.55 -13.29
N GLU B 218 12.65 17.83 -13.68
CA GLU B 218 11.48 18.71 -13.67
C GLU B 218 10.40 18.19 -14.61
N ASP B 219 10.77 17.83 -15.84
CA ASP B 219 9.81 17.23 -16.77
C ASP B 219 9.18 15.99 -16.13
N MET B 220 10.02 15.13 -15.55
CA MET B 220 9.52 13.88 -14.98
C MET B 220 8.62 14.14 -13.77
N GLU B 221 8.99 15.07 -12.90
CA GLU B 221 8.22 15.26 -11.69
C GLU B 221 6.91 16.00 -11.97
N ASN B 222 6.92 16.91 -12.95
CA ASN B 222 5.67 17.53 -13.39
C ASN B 222 4.72 16.48 -13.94
N LYS B 223 5.27 15.54 -14.73
CA LYS B 223 4.46 14.45 -15.26
C LYS B 223 3.91 13.58 -14.13
N ILE B 224 4.75 13.24 -13.15
CA ILE B 224 4.32 12.32 -12.10
C ILE B 224 3.33 13.00 -11.18
N ARG B 225 3.52 14.30 -10.91
CA ARG B 225 2.49 15.00 -10.14
C ARG B 225 1.14 14.87 -10.81
N SER B 226 1.10 14.96 -12.14
CA SER B 226 -0.21 14.85 -12.82
C SER B 226 -0.72 13.42 -12.81
N THR B 227 0.19 12.42 -12.92
CA THR B 227 -0.26 11.02 -12.86
CA THR B 227 -0.28 11.04 -12.86
C THR B 227 -0.73 10.67 -11.45
N LEU B 228 -0.07 11.20 -10.42
CA LEU B 228 -0.53 10.98 -9.05
C LEU B 228 -1.95 11.53 -8.87
N ASN B 229 -2.20 12.72 -9.39
CA ASN B 229 -3.55 13.29 -9.35
C ASN B 229 -4.54 12.34 -9.99
N GLU B 230 -4.19 11.81 -11.17
CA GLU B 230 -5.10 10.91 -11.88
C GLU B 230 -5.32 9.63 -11.10
N ILE B 231 -4.24 8.97 -10.68
CA ILE B 231 -4.37 7.65 -10.08
C ILE B 231 -5.00 7.73 -8.70
N TYR B 232 -4.48 8.62 -7.85
CA TYR B 232 -4.97 8.68 -6.47
C TYR B 232 -6.41 9.17 -6.40
N PHE B 233 -6.69 10.31 -7.00
CA PHE B 233 -7.97 10.97 -6.78
C PHE B 233 -8.96 10.70 -7.91
N GLY B 234 -8.51 10.15 -9.02
CA GLY B 234 -9.39 9.69 -10.06
C GLY B 234 -9.62 8.20 -10.00
N LYS B 235 -8.59 7.42 -10.35
CA LYS B 235 -8.80 5.98 -10.53
C LYS B 235 -9.23 5.28 -9.24
N THR B 236 -8.53 5.51 -8.11
CA THR B 236 -8.85 4.73 -6.92
C THR B 236 -10.22 5.11 -6.37
N LYS B 237 -10.60 6.40 -6.46
CA LYS B 237 -11.95 6.82 -6.12
C LYS B 237 -12.97 6.14 -7.02
N ASP B 238 -12.70 6.11 -8.33
CA ASP B 238 -13.59 5.42 -9.26
C ASP B 238 -13.75 3.95 -8.88
N ILE B 239 -12.65 3.29 -8.52
CA ILE B 239 -12.74 1.88 -8.13
C ILE B 239 -13.61 1.73 -6.89
N VAL B 240 -13.43 2.60 -5.90
CA VAL B 240 -14.26 2.54 -4.69
C VAL B 240 -15.73 2.60 -5.07
N ASN B 241 -16.08 3.57 -5.91
CA ASN B 241 -17.47 3.78 -6.27
C ASN B 241 -18.03 2.66 -7.12
N GLY B 242 -17.16 1.91 -7.79
CA GLY B 242 -17.59 0.74 -8.49
C GLY B 242 -17.76 -0.48 -7.61
N LEU B 243 -17.45 -0.37 -6.32
CA LEU B 243 -17.73 -1.48 -5.41
C LEU B 243 -19.17 -1.47 -4.93
N ARG B 244 -19.85 -0.34 -5.07
CA ARG B 244 -21.19 -0.19 -4.55
C ARG B 244 -21.91 0.84 -5.43
N SER C 8 11.72 -2.36 -19.16
CA SER C 8 12.39 -1.33 -18.37
C SER C 8 13.92 -1.39 -18.51
N PHE C 9 14.63 -0.69 -17.62
CA PHE C 9 16.07 -0.85 -17.48
C PHE C 9 16.43 -0.75 -16.01
N ALA C 10 17.66 -1.16 -15.70
CA ALA C 10 18.14 -1.17 -14.33
C ALA C 10 18.63 0.21 -13.91
N LYS C 11 18.46 0.50 -12.62
CA LYS C 11 19.07 1.67 -12.02
C LYS C 11 20.58 1.47 -11.96
N PRO C 12 21.35 2.55 -11.90
CA PRO C 12 22.79 2.42 -11.72
C PRO C 12 23.06 1.81 -10.35
N LYS C 13 24.11 1.00 -10.26
CA LYS C 13 24.46 0.39 -8.98
C LYS C 13 25.62 1.13 -8.35
N MET C 14 25.67 1.09 -7.02
CA MET C 14 26.66 1.85 -6.26
C MET C 14 27.82 0.96 -5.88
N PRO C 15 28.95 1.56 -5.47
CA PRO C 15 30.09 0.74 -5.03
C PRO C 15 29.70 -0.17 -3.88
N GLY C 16 30.41 -1.28 -3.76
CA GLY C 16 30.24 -2.18 -2.64
C GLY C 16 30.53 -1.47 -1.32
N ARG C 17 29.51 -1.33 -0.48
CA ARG C 17 29.61 -0.65 0.80
C ARG C 17 29.26 -1.61 1.93
N ARG C 18 29.62 -1.23 3.15
CA ARG C 18 29.30 -2.04 4.31
C ARG C 18 27.79 -2.15 4.50
N LEU C 19 27.31 -3.36 4.78
CA LEU C 19 25.90 -3.56 5.05
C LEU C 19 25.55 -2.98 6.42
N PRO C 20 24.26 -2.79 6.72
CA PRO C 20 23.88 -2.34 8.06
C PRO C 20 24.31 -3.35 9.11
N GLY C 21 24.60 -2.84 10.31
CA GLY C 21 25.14 -3.69 11.36
C GLY C 21 24.29 -4.91 11.67
N ARG C 22 22.97 -4.80 11.49
CA ARG C 22 22.07 -5.91 11.78
C ARG C 22 22.38 -7.13 10.91
N PHE C 23 22.26 -6.97 9.59
CA PHE C 23 22.52 -8.05 8.65
C PHE C 23 24.00 -8.24 8.36
N ASN C 24 24.88 -7.64 9.17
CA ASN C 24 26.33 -7.63 8.97
C ASN C 24 26.98 -7.02 10.22
#